data_4XIJ
#
_entry.id   4XIJ
#
_cell.length_a   93.860
_cell.length_b   93.860
_cell.length_c   53.080
_cell.angle_alpha   90.000
_cell.angle_beta   90.000
_cell.angle_gamma   120.000
#
_symmetry.space_group_name_H-M   'P 65'
#
loop_
_entity.id
_entity.type
_entity.pdbx_description
1 polymer 'Shikimate 5-dehydrogenase'
2 non-polymer 1,2-ETHANEDIOL
3 non-polymer 'SULFATE ION'
4 water water
#
_entity_poly.entity_id   1
_entity_poly.type   'polypeptide(L)'
_entity_poly.pdbx_seq_one_letter_code
;MAHHHHHHMVPDSRKAAVLGSPITHSRSPQLHLAAYRALGLPSWTYERIECTAEQLPGLVSALGPEWVGLSVTMPGKFAA
LEFADQRTDRAQLVGSANTLVRMPTGGWRADNTDVDGVTGALGTAGDSALVIGSGGTAPAAVVALAELGVQRITIVARDE
GKASRLVDLARRCGAQGGWCDIGGAALADAVASADAAVSTIPADAAAVYADALARVPRVLDAIYDPWPTPLAQAVEAAGG
EAINGLQMLLNQAFAQVEQFTGMPAPKEAMRAALG
;
_entity_poly.pdbx_strand_id   A
#
loop_
_chem_comp.id
_chem_comp.type
_chem_comp.name
_chem_comp.formula
EDO non-polymer 1,2-ETHANEDIOL 'C2 H6 O2'
SO4 non-polymer 'SULFATE ION' 'O4 S -2'
#
# COMPACT_ATOMS: atom_id res chain seq x y z
N HIS A 8 -6.71 -40.95 -10.52
CA HIS A 8 -7.05 -39.55 -10.39
C HIS A 8 -6.53 -38.99 -9.06
N MET A 9 -5.49 -39.63 -8.51
CA MET A 9 -4.77 -39.11 -7.34
C MET A 9 -3.98 -37.85 -7.68
N VAL A 10 -4.30 -36.70 -7.07
CA VAL A 10 -3.53 -35.46 -7.31
C VAL A 10 -3.27 -34.67 -6.02
N PRO A 11 -2.23 -33.81 -6.04
CA PRO A 11 -2.02 -32.97 -4.86
C PRO A 11 -3.22 -32.07 -4.55
N ASP A 12 -3.44 -31.83 -3.26
CA ASP A 12 -4.46 -30.88 -2.83
C ASP A 12 -4.02 -29.48 -3.21
N SER A 13 -5.00 -28.58 -3.19
CA SER A 13 -4.69 -27.20 -3.52
C SER A 13 -5.60 -26.28 -2.76
N ARG A 14 -5.28 -25.00 -2.88
CA ARG A 14 -5.98 -23.96 -2.14
C ARG A 14 -6.50 -22.90 -3.09
N LYS A 15 -7.44 -22.08 -2.60
CA LYS A 15 -8.07 -21.04 -3.38
C LYS A 15 -7.83 -19.67 -2.77
N ALA A 16 -7.59 -18.72 -3.65
CA ALA A 16 -7.46 -17.32 -3.26
C ALA A 16 -8.14 -16.42 -4.27
N ALA A 17 -8.29 -15.15 -3.96
CA ALA A 17 -8.92 -14.22 -4.89
C ALA A 17 -8.60 -12.80 -4.50
N VAL A 18 -8.83 -11.90 -5.45
CA VAL A 18 -8.93 -10.46 -5.14
C VAL A 18 -10.37 -10.00 -5.24
N LEU A 19 -10.79 -9.24 -4.23
CA LEU A 19 -12.14 -8.68 -4.15
C LEU A 19 -12.11 -7.17 -4.31
N GLY A 20 -13.02 -6.62 -5.13
CA GLY A 20 -13.10 -5.19 -5.24
C GLY A 20 -13.95 -4.79 -6.43
N SER A 21 -14.02 -3.48 -6.71
CA SER A 21 -14.84 -3.00 -7.79
C SER A 21 -14.47 -1.55 -8.09
N PRO A 22 -13.89 -1.27 -9.26
CA PRO A 22 -13.64 -2.23 -10.35
C PRO A 22 -12.48 -3.18 -10.05
N ILE A 23 -12.47 -4.32 -10.73
CA ILE A 23 -11.53 -5.37 -10.34
C ILE A 23 -10.57 -5.76 -11.48
N THR A 24 -10.63 -5.04 -12.58
CA THR A 24 -9.80 -5.37 -13.75
C THR A 24 -8.36 -4.89 -13.72
N HIS A 25 -8.08 -3.83 -12.96
CA HIS A 25 -6.73 -3.25 -12.91
C HIS A 25 -5.80 -4.02 -11.98
N SER A 26 -6.35 -4.72 -10.98
CA SER A 26 -5.49 -5.32 -9.98
C SER A 26 -4.49 -6.27 -10.60
N ARG A 27 -3.25 -6.18 -10.13
CA ARG A 27 -2.20 -7.10 -10.55
C ARG A 27 -2.08 -8.27 -9.58
N SER A 28 -2.96 -8.34 -8.60
CA SER A 28 -2.80 -9.40 -7.59
C SER A 28 -2.86 -10.82 -8.17
N PRO A 29 -3.80 -11.10 -9.10
CA PRO A 29 -3.82 -12.47 -9.63
C PRO A 29 -2.52 -12.86 -10.32
N GLN A 30 -1.97 -11.94 -11.11
CA GLN A 30 -0.73 -12.17 -11.82
C GLN A 30 0.42 -12.42 -10.89
N LEU A 31 0.60 -11.54 -9.90
CA LEU A 31 1.75 -11.68 -9.02
C LEU A 31 1.64 -12.93 -8.14
N HIS A 32 0.41 -13.25 -7.70
CA HIS A 32 0.23 -14.47 -6.91
C HIS A 32 0.39 -15.72 -7.74
N LEU A 33 -0.19 -15.79 -8.93
CA LEU A 33 0.01 -17.04 -9.72
C LEU A 33 1.48 -17.21 -10.10
N ALA A 34 2.17 -16.11 -10.44
CA ALA A 34 3.61 -16.22 -10.72
C ALA A 34 4.35 -16.77 -9.50
N ALA A 35 3.97 -16.32 -8.31
CA ALA A 35 4.59 -16.83 -7.10
C ALA A 35 4.26 -18.29 -6.82
N TYR A 36 2.99 -18.66 -6.95
CA TYR A 36 2.63 -20.03 -6.65
C TYR A 36 3.31 -21.00 -7.58
N ARG A 37 3.43 -20.64 -8.85
CA ARG A 37 4.12 -21.53 -9.80
C ARG A 37 5.62 -21.68 -9.42
N ALA A 38 6.26 -20.56 -9.04
CA ALA A 38 7.66 -20.61 -8.63
C ALA A 38 7.86 -21.42 -7.33
N LEU A 39 6.84 -21.42 -6.47
CA LEU A 39 6.86 -22.16 -5.20
C LEU A 39 6.42 -23.62 -5.34
N GLY A 40 6.12 -24.07 -6.56
CA GLY A 40 5.72 -25.46 -6.73
C GLY A 40 4.31 -25.77 -6.33
N LEU A 41 3.46 -24.74 -6.39
CA LEU A 41 2.01 -24.88 -6.12
C LEU A 41 1.17 -24.54 -7.36
N PRO A 42 1.37 -25.27 -8.45
CA PRO A 42 0.74 -24.85 -9.72
C PRO A 42 -0.78 -25.12 -9.77
N SER A 43 -1.34 -25.85 -8.80
CA SER A 43 -2.77 -26.04 -8.87
C SER A 43 -3.55 -25.14 -7.92
N TRP A 44 -2.86 -24.28 -7.16
CA TRP A 44 -3.61 -23.25 -6.43
C TRP A 44 -4.27 -22.30 -7.42
N THR A 45 -5.45 -21.80 -7.07
CA THR A 45 -6.13 -20.88 -7.97
C THR A 45 -6.20 -19.47 -7.36
N TYR A 46 -6.31 -18.47 -8.22
CA TYR A 46 -6.41 -17.09 -7.79
C TYR A 46 -7.34 -16.37 -8.74
N GLU A 47 -8.54 -16.04 -8.30
CA GLU A 47 -9.48 -15.41 -9.19
C GLU A 47 -9.80 -13.96 -8.86
N ARG A 48 -10.52 -13.30 -9.76
CA ARG A 48 -11.05 -11.95 -9.56
C ARG A 48 -12.51 -12.03 -9.24
N ILE A 49 -12.92 -11.43 -8.14
CA ILE A 49 -14.33 -11.37 -7.79
C ILE A 49 -14.79 -9.94 -7.62
N GLU A 50 -15.69 -9.49 -8.48
CA GLU A 50 -16.25 -8.17 -8.33
C GLU A 50 -17.09 -8.17 -7.05
N CYS A 51 -16.86 -7.16 -6.20
CA CYS A 51 -17.41 -7.18 -4.83
C CYS A 51 -17.47 -5.76 -4.29
N THR A 52 -18.66 -5.30 -3.90
CA THR A 52 -18.80 -4.00 -3.22
C THR A 52 -18.44 -4.12 -1.74
N ALA A 53 -18.30 -2.98 -1.05
CA ALA A 53 -18.07 -3.02 0.40
C ALA A 53 -19.21 -3.77 1.11
N GLU A 54 -20.42 -3.50 0.65
CA GLU A 54 -21.60 -4.07 1.25
CA GLU A 54 -21.61 -4.08 1.24
C GLU A 54 -21.66 -5.58 1.04
N GLN A 55 -21.17 -6.06 -0.12
CA GLN A 55 -21.20 -7.50 -0.38
C GLN A 55 -20.13 -8.30 0.33
N LEU A 56 -19.03 -7.64 0.72
CA LEU A 56 -17.86 -8.41 1.16
C LEU A 56 -18.09 -9.33 2.37
N PRO A 57 -18.73 -8.85 3.45
CA PRO A 57 -18.86 -9.76 4.59
C PRO A 57 -19.63 -11.04 4.24
N GLY A 58 -20.74 -10.94 3.50
CA GLY A 58 -21.46 -12.13 3.13
C GLY A 58 -20.67 -13.05 2.24
N LEU A 59 -19.89 -12.48 1.33
CA LEU A 59 -19.11 -13.29 0.41
CA LEU A 59 -19.10 -13.26 0.41
C LEU A 59 -18.06 -14.08 1.21
N VAL A 60 -17.27 -13.40 2.05
CA VAL A 60 -16.19 -14.10 2.75
C VAL A 60 -16.75 -15.09 3.76
N SER A 61 -17.90 -14.76 4.38
CA SER A 61 -18.48 -15.62 5.40
C SER A 61 -18.82 -16.97 4.83
N ALA A 62 -19.15 -17.02 3.54
CA ALA A 62 -19.61 -18.26 2.93
C ALA A 62 -18.48 -19.18 2.42
N LEU A 63 -17.24 -18.70 2.46
CA LEU A 63 -16.13 -19.44 1.86
C LEU A 63 -15.74 -20.64 2.72
N GLY A 64 -15.56 -21.79 2.05
CA GLY A 64 -15.15 -23.00 2.72
C GLY A 64 -13.68 -23.03 3.07
N PRO A 65 -13.26 -24.10 3.77
CA PRO A 65 -11.90 -24.18 4.34
C PRO A 65 -10.80 -24.21 3.28
N GLU A 66 -11.14 -24.52 2.02
CA GLU A 66 -10.12 -24.50 0.99
C GLU A 66 -9.61 -23.08 0.65
N TRP A 67 -10.36 -22.06 1.06
CA TRP A 67 -9.96 -20.67 0.80
C TRP A 67 -8.91 -20.29 1.81
N VAL A 68 -7.73 -19.93 1.31
CA VAL A 68 -6.58 -19.69 2.16
C VAL A 68 -6.34 -18.21 2.39
N GLY A 69 -6.71 -17.36 1.43
CA GLY A 69 -6.39 -15.93 1.55
C GLY A 69 -7.13 -15.12 0.50
N LEU A 70 -7.35 -13.84 0.81
CA LEU A 70 -7.92 -12.89 -0.12
C LEU A 70 -7.14 -11.60 -0.13
N SER A 71 -6.93 -11.04 -1.30
CA SER A 71 -6.51 -9.66 -1.43
CA SER A 71 -6.54 -9.63 -1.32
C SER A 71 -7.77 -8.81 -1.56
N VAL A 72 -7.76 -7.61 -1.02
CA VAL A 72 -8.95 -6.77 -1.09
C VAL A 72 -8.52 -5.42 -1.61
N THR A 73 -9.21 -4.92 -2.61
CA THR A 73 -8.90 -3.59 -3.08
C THR A 73 -10.15 -2.71 -2.94
N MET A 74 -10.07 -1.48 -3.44
CA MET A 74 -11.20 -0.53 -3.35
C MET A 74 -12.45 -1.18 -3.97
N PRO A 75 -13.64 -1.03 -3.35
CA PRO A 75 -13.98 -0.19 -2.20
C PRO A 75 -14.06 -0.98 -0.90
N GLY A 76 -13.44 -2.14 -0.82
CA GLY A 76 -13.71 -3.06 0.25
C GLY A 76 -12.76 -3.07 1.44
N LYS A 77 -11.77 -2.16 1.49
CA LYS A 77 -10.76 -2.35 2.53
C LYS A 77 -11.26 -2.06 3.96
N PHE A 78 -12.20 -1.16 4.14
CA PHE A 78 -12.76 -0.90 5.45
CA PHE A 78 -12.70 -0.95 5.49
C PHE A 78 -13.61 -2.10 5.87
N ALA A 79 -14.42 -2.56 4.91
CA ALA A 79 -15.27 -3.71 5.19
C ALA A 79 -14.47 -4.94 5.56
N ALA A 80 -13.32 -5.13 4.92
CA ALA A 80 -12.49 -6.26 5.26
C ALA A 80 -11.98 -6.20 6.68
N LEU A 81 -11.56 -5.02 7.11
CA LEU A 81 -11.11 -4.86 8.50
C LEU A 81 -12.24 -5.15 9.51
N GLU A 82 -13.45 -4.67 9.18
CA GLU A 82 -14.61 -4.90 10.04
C GLU A 82 -15.06 -6.35 10.05
N PHE A 83 -14.85 -7.05 8.94
CA PHE A 83 -15.35 -8.43 8.82
C PHE A 83 -14.49 -9.39 9.66
N ALA A 84 -13.18 -9.12 9.69
CA ALA A 84 -12.21 -10.12 10.17
C ALA A 84 -12.34 -10.35 11.68
N ASP A 85 -12.18 -11.60 12.12
CA ASP A 85 -12.34 -11.74 13.56
CA ASP A 85 -12.13 -12.06 13.51
C ASP A 85 -10.99 -11.50 14.26
N GLN A 86 -9.90 -11.32 13.52
CA GLN A 86 -8.60 -10.98 14.07
CA GLN A 86 -8.63 -10.90 14.11
C GLN A 86 -8.00 -9.91 13.16
N ARG A 87 -7.23 -8.97 13.71
CA ARG A 87 -6.58 -8.01 12.85
C ARG A 87 -5.24 -7.65 13.40
N THR A 88 -4.33 -7.34 12.50
CA THR A 88 -3.02 -6.89 12.97
C THR A 88 -3.11 -5.47 13.53
N ASP A 89 -2.19 -5.15 14.41
CA ASP A 89 -2.12 -3.78 14.94
C ASP A 89 -1.95 -2.76 13.82
N ARG A 90 -1.11 -3.06 12.80
CA ARG A 90 -0.92 -2.05 11.77
C ARG A 90 -2.16 -1.84 10.89
N ALA A 91 -2.97 -2.88 10.67
CA ALA A 91 -4.23 -2.70 9.94
C ALA A 91 -5.15 -1.80 10.75
N GLN A 92 -5.23 -2.04 12.06
CA GLN A 92 -6.08 -1.16 12.88
C GLN A 92 -5.62 0.29 12.84
N LEU A 93 -4.29 0.48 12.83
CA LEU A 93 -3.73 1.83 12.84
C LEU A 93 -3.99 2.54 11.50
N VAL A 94 -3.78 1.84 10.38
CA VAL A 94 -4.15 2.40 9.08
C VAL A 94 -5.66 2.69 9.03
N GLY A 95 -6.46 1.75 9.54
CA GLY A 95 -7.90 1.93 9.52
C GLY A 95 -8.54 1.12 8.39
N SER A 96 -7.80 0.22 7.75
CA SER A 96 -8.38 -0.55 6.65
C SER A 96 -7.46 -1.74 6.42
N ALA A 97 -7.96 -2.75 5.69
CA ALA A 97 -7.20 -3.96 5.40
C ALA A 97 -7.26 -4.33 3.93
N ASN A 98 -6.09 -4.62 3.34
CA ASN A 98 -6.10 -5.10 1.96
C ASN A 98 -5.84 -6.60 1.85
N THR A 99 -5.88 -7.30 2.99
CA THR A 99 -5.49 -8.71 3.05
C THR A 99 -6.31 -9.42 4.09
N LEU A 100 -6.83 -10.59 3.71
CA LEU A 100 -7.54 -11.47 4.67
C LEU A 100 -6.90 -12.82 4.59
N VAL A 101 -6.42 -13.31 5.73
CA VAL A 101 -5.71 -14.60 5.74
C VAL A 101 -6.48 -15.60 6.59
N ARG A 102 -6.70 -16.81 6.07
CA ARG A 102 -7.33 -17.84 6.89
C ARG A 102 -6.36 -18.34 8.00
N MET A 103 -6.86 -18.36 9.22
CA MET A 103 -6.12 -18.81 10.38
CA MET A 103 -6.11 -18.78 10.38
C MET A 103 -6.21 -20.29 10.52
N PRO A 104 -5.19 -20.93 11.20
CA PRO A 104 -5.20 -22.40 11.24
C PRO A 104 -6.49 -23.01 11.80
N THR A 105 -7.19 -22.30 12.67
CA THR A 105 -8.36 -22.92 13.30
C THR A 105 -9.65 -22.24 12.89
N GLY A 106 -9.62 -21.51 11.79
CA GLY A 106 -10.85 -21.15 11.09
C GLY A 106 -11.13 -19.70 10.86
N GLY A 107 -10.60 -18.84 11.73
CA GLY A 107 -10.83 -17.41 11.65
C GLY A 107 -10.22 -16.76 10.44
N TRP A 108 -10.56 -15.50 10.22
CA TRP A 108 -9.92 -14.71 9.17
C TRP A 108 -9.18 -13.58 9.85
N ARG A 109 -7.91 -13.40 9.48
CA ARG A 109 -7.10 -12.33 10.02
C ARG A 109 -6.90 -11.22 8.97
N ALA A 110 -7.23 -9.99 9.33
CA ALA A 110 -7.02 -8.84 8.48
C ALA A 110 -5.64 -8.24 8.62
N ASP A 111 -5.01 -7.88 7.51
CA ASP A 111 -3.75 -7.17 7.59
C ASP A 111 -3.74 -6.09 6.52
N ASN A 112 -2.79 -5.18 6.64
CA ASN A 112 -2.64 -4.16 5.61
C ASN A 112 -1.22 -4.21 5.04
N THR A 113 -1.05 -4.81 3.86
CA THR A 113 0.28 -4.87 3.30
C THR A 113 0.57 -3.70 2.36
N ASP A 114 -0.38 -2.75 2.21
CA ASP A 114 -0.05 -1.47 1.55
C ASP A 114 1.07 -0.79 2.34
N VAL A 115 1.11 -1.01 3.67
CA VAL A 115 2.20 -0.49 4.47
C VAL A 115 3.56 -1.05 3.98
N ASP A 116 3.62 -2.37 3.71
CA ASP A 116 4.83 -2.97 3.18
C ASP A 116 5.17 -2.42 1.80
N GLY A 117 4.14 -2.10 1.00
CA GLY A 117 4.40 -1.48 -0.29
C GLY A 117 5.32 -0.27 -0.15
N VAL A 118 5.04 0.58 0.84
CA VAL A 118 5.83 1.79 0.98
C VAL A 118 7.12 1.50 1.75
N THR A 119 7.07 0.74 2.85
CA THR A 119 8.35 0.50 3.57
C THR A 119 9.34 -0.28 2.71
N GLY A 120 8.82 -1.23 1.94
CA GLY A 120 9.65 -2.08 1.09
C GLY A 120 10.19 -1.28 -0.08
N ALA A 121 9.33 -0.47 -0.74
CA ALA A 121 9.80 0.26 -1.93
C ALA A 121 10.83 1.33 -1.57
N LEU A 122 10.61 2.02 -0.46
CA LEU A 122 11.50 3.11 -0.08
C LEU A 122 12.78 2.64 0.60
N GLY A 123 12.70 1.57 1.38
CA GLY A 123 13.83 1.14 2.18
C GLY A 123 13.97 1.91 3.47
N THR A 124 14.38 3.19 3.37
CA THR A 124 14.36 4.12 4.50
C THR A 124 13.85 5.44 3.97
N ALA A 125 13.34 6.28 4.87
CA ALA A 125 12.89 7.61 4.47
C ALA A 125 13.66 8.71 5.22
N GLY A 126 14.79 8.38 5.86
CA GLY A 126 15.48 9.39 6.66
C GLY A 126 14.69 9.89 7.84
N ASP A 127 14.92 11.15 8.18
CA ASP A 127 14.31 11.76 9.37
C ASP A 127 13.05 12.57 9.07
N SER A 128 13.00 13.20 7.90
CA SER A 128 11.89 14.09 7.55
CA SER A 128 11.91 14.10 7.55
C SER A 128 11.31 13.65 6.21
N ALA A 129 10.05 13.30 6.20
CA ALA A 129 9.40 12.76 4.98
C ALA A 129 8.16 13.54 4.65
N LEU A 130 7.88 13.67 3.36
CA LEU A 130 6.66 14.30 2.88
C LEU A 130 5.71 13.24 2.35
N VAL A 131 4.41 13.44 2.56
CA VAL A 131 3.37 12.72 1.82
C VAL A 131 2.73 13.77 0.93
N ILE A 132 2.76 13.52 -0.39
CA ILE A 132 2.12 14.48 -1.31
C ILE A 132 0.71 13.97 -1.58
N GLY A 133 -0.31 14.76 -1.23
CA GLY A 133 -1.70 14.37 -1.39
C GLY A 133 -2.34 13.95 -0.08
N SER A 134 -3.66 13.88 -0.09
CA SER A 134 -4.45 13.58 1.11
C SER A 134 -5.55 12.58 0.84
N GLY A 135 -5.44 11.82 -0.25
CA GLY A 135 -6.53 10.94 -0.67
C GLY A 135 -6.47 9.58 0.01
N GLY A 136 -7.21 8.62 -0.55
CA GLY A 136 -7.44 7.34 0.12
C GLY A 136 -6.22 6.47 0.38
N THR A 137 -5.12 6.72 -0.33
CA THR A 137 -3.91 5.95 -0.11
C THR A 137 -2.95 6.60 0.84
N ALA A 138 -3.29 7.79 1.29
CA ALA A 138 -2.37 8.51 2.18
C ALA A 138 -2.22 7.88 3.59
N PRO A 139 -3.31 7.33 4.20
CA PRO A 139 -3.11 6.73 5.52
C PRO A 139 -2.07 5.64 5.56
N ALA A 140 -2.06 4.75 4.56
CA ALA A 140 -1.04 3.72 4.56
C ALA A 140 0.36 4.30 4.44
N ALA A 141 0.49 5.36 3.62
CA ALA A 141 1.78 6.02 3.46
C ALA A 141 2.25 6.60 4.82
N VAL A 142 1.35 7.25 5.57
CA VAL A 142 1.71 7.84 6.88
C VAL A 142 2.17 6.75 7.86
N VAL A 143 1.41 5.64 7.94
CA VAL A 143 1.75 4.59 8.89
C VAL A 143 3.09 3.95 8.46
N ALA A 144 3.29 3.74 7.16
CA ALA A 144 4.57 3.23 6.69
C ALA A 144 5.72 4.13 7.03
N LEU A 145 5.55 5.45 6.84
CA LEU A 145 6.66 6.34 7.16
C LEU A 145 6.97 6.28 8.66
N ALA A 146 5.92 6.21 9.49
CA ALA A 146 6.18 6.09 10.92
C ALA A 146 6.93 4.78 11.23
N GLU A 147 6.57 3.72 10.52
CA GLU A 147 7.24 2.42 10.71
C GLU A 147 8.68 2.44 10.19
N LEU A 148 8.99 3.35 9.27
CA LEU A 148 10.39 3.55 8.84
C LEU A 148 11.19 4.37 9.85
N GLY A 149 10.56 4.81 10.95
CA GLY A 149 11.28 5.56 11.97
C GLY A 149 11.53 7.01 11.61
N VAL A 150 10.76 7.58 10.69
CA VAL A 150 10.92 9.02 10.43
CA VAL A 150 10.83 8.99 10.39
C VAL A 150 10.56 9.80 11.68
N GLN A 151 11.25 10.93 11.85
CA GLN A 151 10.94 11.78 12.98
CA GLN A 151 11.00 11.88 12.93
C GLN A 151 9.75 12.70 12.69
N ARG A 152 9.63 13.20 11.45
CA ARG A 152 8.56 14.14 11.10
C ARG A 152 7.92 13.74 9.77
N ILE A 153 6.60 13.77 9.72
CA ILE A 153 5.83 13.55 8.51
C ILE A 153 5.07 14.81 8.19
N THR A 154 5.34 15.39 7.03
CA THR A 154 4.63 16.59 6.59
C THR A 154 3.67 16.22 5.45
N ILE A 155 2.40 16.59 5.61
CA ILE A 155 1.38 16.31 4.62
C ILE A 155 1.33 17.51 3.70
N VAL A 156 1.72 17.32 2.45
CA VAL A 156 1.76 18.38 1.44
C VAL A 156 0.52 18.20 0.59
N ALA A 157 -0.46 19.06 0.79
CA ALA A 157 -1.73 18.87 0.14
C ALA A 157 -2.47 20.20 0.09
N ARG A 158 -3.52 20.24 -0.71
CA ARG A 158 -4.32 21.44 -0.86
CA ARG A 158 -4.31 21.45 -0.88
C ARG A 158 -5.39 21.62 0.20
N ASP A 159 -5.98 20.51 0.64
CA ASP A 159 -7.13 20.57 1.54
C ASP A 159 -6.69 20.45 2.98
N GLU A 160 -6.77 21.53 3.74
CA GLU A 160 -6.30 21.52 5.11
C GLU A 160 -7.09 20.56 6.00
N GLY A 161 -8.37 20.39 5.71
CA GLY A 161 -9.20 19.48 6.51
C GLY A 161 -8.78 18.04 6.35
N LYS A 162 -8.60 17.59 5.11
CA LYS A 162 -8.14 16.21 4.88
C LYS A 162 -6.73 16.04 5.38
N ALA A 163 -5.93 17.07 5.23
CA ALA A 163 -4.57 16.95 5.74
C ALA A 163 -4.53 16.82 7.26
N SER A 164 -5.42 17.53 7.95
N SER A 164 -5.42 17.51 7.97
CA SER A 164 -5.39 17.57 9.41
CA SER A 164 -5.32 17.53 9.42
C SER A 164 -5.62 16.18 9.98
C SER A 164 -5.59 16.14 9.99
N ARG A 165 -6.46 15.40 9.31
CA ARG A 165 -6.70 14.05 9.79
CA ARG A 165 -6.74 14.03 9.69
C ARG A 165 -5.48 13.14 9.59
N LEU A 166 -4.67 13.39 8.56
CA LEU A 166 -3.43 12.64 8.37
C LEU A 166 -2.35 13.08 9.31
N VAL A 167 -2.35 14.37 9.66
CA VAL A 167 -1.43 14.88 10.70
C VAL A 167 -1.75 14.20 12.02
N ASP A 168 -3.04 14.10 12.37
CA ASP A 168 -3.43 13.42 13.59
C ASP A 168 -2.92 11.98 13.60
N LEU A 169 -3.10 11.30 12.49
CA LEU A 169 -2.63 9.92 12.35
C LEU A 169 -1.12 9.84 12.51
N ALA A 170 -0.38 10.76 11.88
CA ALA A 170 1.07 10.73 12.08
C ALA A 170 1.44 10.83 13.56
N ARG A 171 0.79 11.72 14.27
CA ARG A 171 1.07 11.85 15.68
C ARG A 171 0.65 10.62 16.48
N ARG A 172 -0.48 10.01 16.14
CA ARG A 172 -0.88 8.79 16.83
CA ARG A 172 -0.93 8.75 16.76
C ARG A 172 0.12 7.65 16.59
N CYS A 173 0.82 7.70 15.46
CA CYS A 173 1.86 6.72 15.16
C CYS A 173 3.18 7.00 15.87
N GLY A 174 3.27 8.14 16.57
CA GLY A 174 4.45 8.47 17.35
C GLY A 174 5.37 9.52 16.73
N ALA A 175 5.09 9.95 15.50
CA ALA A 175 5.94 10.92 14.81
C ALA A 175 5.47 12.36 15.07
N GLN A 176 6.30 13.35 14.73
CA GLN A 176 5.81 14.72 14.59
C GLN A 176 5.11 14.85 13.26
N GLY A 177 4.10 15.72 13.21
CA GLY A 177 3.36 15.91 11.97
C GLY A 177 2.93 17.32 11.77
N GLY A 178 2.69 17.67 10.51
CA GLY A 178 2.14 18.98 10.21
C GLY A 178 1.74 19.02 8.75
N TRP A 179 1.04 20.09 8.41
CA TRP A 179 0.49 20.33 7.07
C TRP A 179 1.24 21.44 6.37
N CYS A 180 1.50 21.22 5.08
CA CYS A 180 2.08 22.24 4.22
C CYS A 180 1.15 22.40 3.00
N ASP A 181 0.60 23.59 2.77
CA ASP A 181 -0.20 23.83 1.57
C ASP A 181 0.67 23.62 0.33
N ILE A 182 0.27 22.70 -0.55
CA ILE A 182 1.04 22.42 -1.73
C ILE A 182 1.17 23.63 -2.62
N GLY A 183 0.19 24.53 -2.55
CA GLY A 183 0.16 25.73 -3.37
C GLY A 183 0.73 26.95 -2.69
N GLY A 184 1.29 26.77 -1.49
CA GLY A 184 1.73 27.92 -0.70
C GLY A 184 3.21 28.20 -0.63
N ALA A 185 3.55 29.24 0.13
CA ALA A 185 4.92 29.68 0.31
C ALA A 185 5.78 28.76 1.18
N ALA A 186 5.17 27.83 1.89
CA ALA A 186 5.95 27.01 2.84
C ALA A 186 6.54 25.78 2.20
N LEU A 187 6.17 25.52 0.94
CA LEU A 187 6.63 24.25 0.32
C LEU A 187 8.15 24.21 0.16
N ALA A 188 8.77 25.34 -0.19
CA ALA A 188 10.20 25.31 -0.45
C ALA A 188 10.97 24.87 0.78
N ASP A 189 10.58 25.39 1.94
CA ASP A 189 11.25 25.00 3.17
C ASP A 189 11.00 23.53 3.52
N ALA A 190 9.78 23.03 3.29
CA ALA A 190 9.50 21.60 3.53
C ALA A 190 10.38 20.72 2.64
N VAL A 191 10.53 21.12 1.38
CA VAL A 191 11.35 20.34 0.47
C VAL A 191 12.84 20.43 0.88
N ALA A 192 13.27 21.63 1.28
CA ALA A 192 14.68 21.79 1.62
C ALA A 192 15.12 20.90 2.77
N SER A 193 14.22 20.64 3.70
CA SER A 193 14.61 19.82 4.86
CA SER A 193 14.51 19.83 4.90
C SER A 193 14.12 18.38 4.74
N ALA A 194 13.49 18.04 3.61
CA ALA A 194 13.02 16.65 3.45
C ALA A 194 14.11 15.67 3.02
N ASP A 195 14.04 14.46 3.56
CA ASP A 195 14.89 13.34 3.10
C ASP A 195 14.23 12.45 2.06
N ALA A 196 12.92 12.42 2.08
CA ALA A 196 12.19 11.52 1.18
C ALA A 196 10.79 12.02 1.03
N ALA A 197 10.12 11.56 -0.02
CA ALA A 197 8.66 11.82 -0.19
C ALA A 197 7.98 10.63 -0.81
N VAL A 198 6.68 10.48 -0.48
CA VAL A 198 5.79 9.55 -1.15
C VAL A 198 4.74 10.40 -1.83
N SER A 199 4.66 10.31 -3.14
CA SER A 199 3.66 11.06 -3.88
C SER A 199 2.48 10.18 -4.26
N THR A 200 1.30 10.53 -3.76
CA THR A 200 0.11 9.71 -3.92
C THR A 200 -0.87 10.25 -4.96
N ILE A 201 -0.51 11.35 -5.63
CA ILE A 201 -1.44 12.02 -6.54
C ILE A 201 -1.14 11.67 -8.00
N PRO A 202 -2.09 11.92 -8.90
CA PRO A 202 -1.86 11.56 -10.31
C PRO A 202 -0.69 12.36 -10.92
N ALA A 203 -0.06 11.76 -11.93
CA ALA A 203 1.08 12.38 -12.57
C ALA A 203 0.81 13.79 -13.09
N ASP A 204 -0.36 14.02 -13.70
CA ASP A 204 -0.65 15.35 -14.25
C ASP A 204 -0.85 16.40 -13.16
N ALA A 205 -1.31 15.98 -11.98
CA ALA A 205 -1.41 16.88 -10.84
C ALA A 205 -0.01 17.16 -10.28
N ALA A 206 0.78 16.10 -10.07
CA ALA A 206 2.14 16.28 -9.56
C ALA A 206 3.04 17.06 -10.51
N ALA A 207 2.81 17.00 -11.82
CA ALA A 207 3.69 17.72 -12.74
C ALA A 207 3.73 19.22 -12.46
N VAL A 208 2.62 19.78 -11.98
CA VAL A 208 2.56 21.22 -11.67
C VAL A 208 3.63 21.58 -10.66
N TYR A 209 3.91 20.64 -9.73
CA TYR A 209 4.83 20.89 -8.62
C TYR A 209 6.13 20.16 -8.76
N ALA A 210 6.40 19.60 -9.96
CA ALA A 210 7.60 18.78 -10.12
C ALA A 210 8.90 19.55 -9.86
N ASP A 211 9.02 20.76 -10.39
CA ASP A 211 10.21 21.55 -10.17
C ASP A 211 10.38 21.91 -8.70
N ALA A 212 9.27 22.23 -8.03
CA ALA A 212 9.33 22.56 -6.61
C ALA A 212 9.69 21.34 -5.74
N LEU A 213 9.32 20.13 -6.18
CA LEU A 213 9.61 18.90 -5.43
C LEU A 213 10.92 18.26 -5.85
N ALA A 214 11.56 18.80 -6.88
CA ALA A 214 12.76 18.18 -7.47
C ALA A 214 13.88 17.94 -6.52
N ARG A 215 14.04 18.82 -5.53
CA ARG A 215 15.15 18.67 -4.61
C ARG A 215 14.94 17.68 -3.49
N VAL A 216 13.78 17.02 -3.40
CA VAL A 216 13.68 15.94 -2.41
C VAL A 216 14.58 14.78 -2.84
N PRO A 217 15.50 14.33 -1.97
CA PRO A 217 16.55 13.42 -2.47
C PRO A 217 16.04 12.08 -3.01
N ARG A 218 15.01 11.52 -2.39
CA ARG A 218 14.47 10.22 -2.77
C ARG A 218 12.96 10.33 -2.79
N VAL A 219 12.36 10.00 -3.91
CA VAL A 219 10.92 10.14 -4.09
C VAL A 219 10.32 8.84 -4.58
N LEU A 220 9.37 8.30 -3.82
CA LEU A 220 8.53 7.18 -4.22
C LEU A 220 7.26 7.76 -4.83
N ASP A 221 7.10 7.53 -6.14
CA ASP A 221 5.94 7.98 -6.87
C ASP A 221 5.00 6.75 -7.02
N ALA A 222 3.77 6.87 -6.52
CA ALA A 222 2.79 5.80 -6.63
C ALA A 222 2.44 5.50 -8.10
N ILE A 223 2.63 6.48 -8.97
CA ILE A 223 2.34 6.30 -10.38
C ILE A 223 3.43 5.48 -11.06
N TYR A 224 3.05 4.63 -12.02
CA TYR A 224 4.08 3.91 -12.76
C TYR A 224 3.85 3.88 -14.25
N ASP A 225 2.73 4.45 -14.69
CA ASP A 225 2.46 4.52 -16.12
C ASP A 225 1.84 5.85 -16.49
N PRO A 226 2.46 6.55 -17.44
CA PRO A 226 3.77 6.27 -18.05
C PRO A 226 4.94 6.51 -17.08
N TRP A 227 6.13 6.06 -17.44
CA TRP A 227 7.33 6.27 -16.61
C TRP A 227 8.48 6.63 -17.53
N PRO A 228 9.31 7.61 -17.14
CA PRO A 228 9.23 8.38 -15.89
C PRO A 228 8.20 9.49 -15.97
N THR A 229 7.49 9.68 -14.86
CA THR A 229 6.57 10.81 -14.74
C THR A 229 7.32 12.14 -14.76
N PRO A 230 6.60 13.25 -15.01
CA PRO A 230 7.25 14.57 -14.86
C PRO A 230 7.93 14.77 -13.52
N LEU A 231 7.27 14.33 -12.45
CA LEU A 231 7.88 14.39 -11.12
C LEU A 231 9.20 13.62 -11.09
N ALA A 232 9.19 12.37 -11.57
CA ALA A 232 10.42 11.56 -11.55
C ALA A 232 11.50 12.21 -12.37
N GLN A 233 11.13 12.78 -13.52
CA GLN A 233 12.13 13.40 -14.38
C GLN A 233 12.81 14.56 -13.68
N ALA A 234 12.03 15.36 -13.00
CA ALA A 234 12.61 16.50 -12.29
C ALA A 234 13.52 16.05 -11.17
N VAL A 235 13.07 15.06 -10.39
CA VAL A 235 13.89 14.54 -9.31
C VAL A 235 15.21 14.01 -9.87
N GLU A 236 15.14 13.26 -10.95
CA GLU A 236 16.35 12.68 -11.52
C GLU A 236 17.28 13.75 -12.10
N ALA A 237 16.70 14.75 -12.74
CA ALA A 237 17.48 15.87 -13.25
C ALA A 237 18.19 16.64 -12.14
N ALA A 238 17.63 16.61 -10.93
CA ALA A 238 18.21 17.28 -9.76
C ALA A 238 19.20 16.36 -9.01
N GLY A 239 19.49 15.20 -9.58
CA GLY A 239 20.46 14.32 -8.93
C GLY A 239 19.88 13.33 -7.96
N GLY A 240 18.56 13.29 -7.83
CA GLY A 240 17.94 12.40 -6.88
C GLY A 240 17.51 11.06 -7.44
N GLU A 241 16.88 10.26 -6.59
CA GLU A 241 16.39 8.94 -6.96
C GLU A 241 14.88 8.94 -7.01
N ALA A 242 14.33 8.40 -8.08
CA ALA A 242 12.89 8.25 -8.21
C ALA A 242 12.58 6.76 -8.32
N ILE A 243 11.60 6.32 -7.54
CA ILE A 243 11.14 4.93 -7.51
C ILE A 243 9.68 4.91 -7.91
N ASN A 244 9.24 3.98 -8.78
CA ASN A 244 7.81 4.03 -9.14
C ASN A 244 6.90 3.04 -8.45
N GLY A 245 5.60 3.20 -8.69
CA GLY A 245 4.59 2.44 -7.96
C GLY A 245 4.62 0.96 -8.18
N LEU A 246 5.26 0.46 -9.24
CA LEU A 246 5.37 -1.00 -9.38
C LEU A 246 6.10 -1.59 -8.17
N GLN A 247 7.02 -0.85 -7.57
CA GLN A 247 7.70 -1.40 -6.40
C GLN A 247 6.79 -1.47 -5.15
N MET A 248 5.82 -0.56 -5.03
CA MET A 248 4.78 -0.67 -4.01
C MET A 248 3.96 -1.94 -4.25
N LEU A 249 3.50 -2.14 -5.49
CA LEU A 249 2.70 -3.35 -5.81
CA LEU A 249 2.74 -3.33 -5.87
C LEU A 249 3.49 -4.63 -5.51
N LEU A 250 4.77 -4.64 -5.87
CA LEU A 250 5.62 -5.80 -5.62
C LEU A 250 5.70 -6.12 -4.13
N ASN A 251 6.03 -5.10 -3.32
CA ASN A 251 6.21 -5.33 -1.91
C ASN A 251 4.88 -5.63 -1.16
N GLN A 252 3.77 -5.07 -1.61
CA GLN A 252 2.45 -5.45 -1.11
C GLN A 252 2.20 -6.95 -1.28
N ALA A 253 2.60 -7.45 -2.44
CA ALA A 253 2.32 -8.82 -2.81
C ALA A 253 3.26 -9.79 -2.09
N PHE A 254 4.52 -9.38 -1.88
CA PHE A 254 5.47 -10.29 -1.18
C PHE A 254 4.83 -10.76 0.12
N ALA A 255 4.28 -9.79 0.85
CA ALA A 255 3.80 -10.08 2.18
C ALA A 255 2.53 -10.99 2.17
N GLN A 256 1.66 -10.77 1.19
CA GLN A 256 0.50 -11.63 1.02
C GLN A 256 0.90 -13.05 0.66
N VAL A 257 1.85 -13.18 -0.28
CA VAL A 257 2.28 -14.53 -0.69
C VAL A 257 2.87 -15.29 0.52
N GLU A 258 3.66 -14.59 1.35
CA GLU A 258 4.26 -15.28 2.47
C GLU A 258 3.18 -15.70 3.48
N GLN A 259 2.22 -14.83 3.73
CA GLN A 259 1.16 -15.20 4.67
C GLN A 259 0.26 -16.32 4.15
N PHE A 260 -0.01 -16.32 2.83
CA PHE A 260 -0.93 -17.34 2.29
C PHE A 260 -0.22 -18.70 2.21
N THR A 261 1.06 -18.71 1.82
CA THR A 261 1.73 -19.99 1.53
C THR A 261 2.60 -20.51 2.64
N GLY A 262 2.96 -19.63 3.57
CA GLY A 262 3.94 -19.98 4.59
C GLY A 262 5.38 -20.12 4.10
N MET A 263 5.64 -19.71 2.86
CA MET A 263 6.96 -19.84 2.24
CA MET A 263 6.97 -19.83 2.27
C MET A 263 7.53 -18.44 1.97
N PRO A 264 8.86 -18.31 1.98
CA PRO A 264 9.49 -17.03 1.58
C PRO A 264 9.07 -16.63 0.16
N ALA A 265 8.79 -15.34 -0.03
CA ALA A 265 8.37 -14.87 -1.37
C ALA A 265 9.43 -15.19 -2.41
N PRO A 266 9.02 -15.71 -3.58
CA PRO A 266 9.99 -15.99 -4.66
C PRO A 266 10.18 -14.68 -5.41
N LYS A 267 11.15 -13.90 -4.96
CA LYS A 267 11.15 -12.48 -5.37
C LYS A 267 11.50 -12.30 -6.85
N GLU A 268 12.45 -13.08 -7.39
CA GLU A 268 12.80 -12.89 -8.79
C GLU A 268 11.63 -13.28 -9.68
N ALA A 269 10.94 -14.34 -9.30
CA ALA A 269 9.79 -14.80 -10.11
C ALA A 269 8.70 -13.72 -10.09
N MET A 270 8.47 -13.10 -8.94
CA MET A 270 7.45 -12.04 -8.86
C MET A 270 7.90 -10.79 -9.61
N ARG A 271 9.19 -10.47 -9.56
CA ARG A 271 9.68 -9.35 -10.38
C ARG A 271 9.47 -9.59 -11.88
N ALA A 272 9.62 -10.85 -12.32
CA ALA A 272 9.39 -11.14 -13.73
C ALA A 272 7.95 -10.86 -14.14
N ALA A 273 7.02 -10.93 -13.19
CA ALA A 273 5.60 -10.73 -13.49
C ALA A 273 5.13 -9.28 -13.26
N LEU A 274 6.04 -8.43 -12.87
CA LEU A 274 5.69 -7.07 -12.44
C LEU A 274 5.55 -6.13 -13.64
N GLY A 275 4.40 -5.46 -13.73
CA GLY A 275 4.13 -4.50 -14.79
C GLY A 275 2.64 -4.20 -14.82
C1 EDO B . 1.41 9.00 20.26
O1 EDO B . 1.77 7.67 19.82
C2 EDO B . 2.62 9.92 20.37
O2 EDO B . 3.20 10.00 21.69
C1 EDO C . 14.55 -14.52 -5.69
O1 EDO C . 13.85 -15.42 -6.48
C2 EDO C . 14.63 -15.24 -4.37
O2 EDO C . 13.61 -14.68 -3.54
C1 EDO D . -7.09 8.70 -4.58
O1 EDO D . -6.10 7.67 -4.72
C2 EDO D . -8.30 8.20 -3.79
O2 EDO D . -8.87 9.29 -3.05
S SO4 E . -4.33 -2.85 -3.22
O1 SO4 E . -3.21 -2.50 -4.13
O2 SO4 E . -5.41 -1.85 -3.47
O3 SO4 E . -4.87 -4.22 -3.50
O4 SO4 E . -3.75 -2.97 -1.88
S SO4 F . -5.91 -1.72 -8.03
O1 SO4 F . -4.98 -2.29 -9.00
O2 SO4 F . -6.52 -0.51 -8.56
O3 SO4 F . -6.87 -2.71 -7.55
O4 SO4 F . -5.09 -1.32 -6.88
S SO4 G . -1.59 21.74 14.53
O1 SO4 G . -0.47 21.45 13.63
O2 SO4 G . -2.45 22.74 13.91
O3 SO4 G . -2.37 20.52 14.77
O4 SO4 G . -1.09 22.27 15.79
S SO4 H . 16.29 -9.28 -2.84
O1 SO4 H . 15.78 -10.21 -3.88
O2 SO4 H . 17.61 -8.76 -3.26
O3 SO4 H . 16.45 -10.01 -1.58
O4 SO4 H . 15.36 -8.16 -2.63
#